data_1I2Y
#
_entry.id   1I2Y
#
_cell.length_a   30.53
_cell.length_b   45.22
_cell.length_c   162.02
_cell.angle_alpha   90
_cell.angle_beta   90
_cell.angle_gamma   90
#
_symmetry.space_group_name_H-M   'P 21 21 21'
#
loop_
_entity.id
_entity.type
_entity.pdbx_description
1 polymer "DNA/RNA (5'-R(*GP*CP*G)-D(P*AP*TP*AP*T)-R(P*AP*CP*GP*U)-3')"
2 non-polymer SPERMINE
3 water water
#
_entity_poly.entity_id   1
_entity_poly.type   'polydeoxyribonucleotide/polyribonucleotide hybrid'
_entity_poly.pdbx_seq_one_letter_code
;GCG(DA)(DT)(DA)(DT)ACGU
;
_entity_poly.pdbx_strand_id   A,B,C,D,E,F
#
loop_
_chem_comp.id
_chem_comp.type
_chem_comp.name
_chem_comp.formula
A RNA linking ADENOSINE-5'-MONOPHOSPHATE 'C10 H14 N5 O7 P'
C RNA linking CYTIDINE-5'-MONOPHOSPHATE 'C9 H14 N3 O8 P'
DA DNA linking 2'-DEOXYADENOSINE-5'-MONOPHOSPHATE 'C10 H14 N5 O6 P'
DT DNA linking THYMIDINE-5'-MONOPHOSPHATE 'C10 H15 N2 O8 P'
G RNA linking GUANOSINE-5'-MONOPHOSPHATE 'C10 H14 N5 O8 P'
SPM non-polymer SPERMINE 'C10 H26 N4'
U RNA linking URIDINE-5'-MONOPHOSPHATE 'C9 H13 N2 O9 P'
#
# COMPACT_ATOMS: atom_id res chain seq x y z
N1 SPM G . -6.19 -0.48 -2.26
C2 SPM G . -5.48 0.76 -1.83
C3 SPM G . -4.51 0.48 -0.69
C4 SPM G . -3.55 1.61 -0.52
N5 SPM G . -2.57 1.37 0.51
C6 SPM G . -1.22 1.65 -0.01
C7 SPM G . -0.24 1.98 1.09
C8 SPM G . 1.23 1.80 0.59
C9 SPM G . 1.97 0.66 1.29
N10 SPM G . 2.18 -0.49 0.42
C11 SPM G . 3.58 -0.95 0.45
C12 SPM G . 3.71 -2.42 0.06
C13 SPM G . 5.13 -2.90 -0.17
N14 SPM G . 5.97 -3.07 1.08
#